data_6EFX
#
_entry.id   6EFX
#
_cell.length_a   85.340
_cell.length_b   85.340
_cell.length_c   187.930
_cell.angle_alpha   90.000
_cell.angle_beta   90.000
_cell.angle_gamma   90.000
#
_symmetry.space_group_name_H-M   'I 4 2 2'
#
loop_
_entity.id
_entity.type
_entity.pdbx_description
1 polymer 'ATP-dependent (S)-NAD(P)H-hydrate dehydratase'
2 non-polymer 'PHOSPHOAMINOPHOSPHONIC ACID-ADENYLATE ESTER'
3 non-polymer 'MAGNESIUM ION'
4 non-polymer 'PHOSPHATE ION'
5 non-polymer 1,2-ETHANEDIOL
6 water water
#
_entity_poly.entity_id   1
_entity_poly.type   'polypeptide(L)'
_entity_poly.pdbx_seq_one_letter_code
;MAHHHHHHMASKQHAHILSLARSMIPPLHPKLHKGQAGRIGVLGGSGDYSGAPYFSSMGAMRFGADLAHVICEPSAGAVI
KTYSPDLIVHTILDPQKSREDIRSALKGVMSRLHVLIIGPGLGRDDHMQSCAKIAFELAKDMEQMGVVVDADGLWLVQNE
PKVVMDWPGVPRIILTPNVMEFKRLCDTMKINASGPHTSLCPQLATALGNATIIQKGPSDIISNGLKIPFALLSDESEEE
QNYLEVKVEGGLKRVGGQGDILSGSTGVLLAWGSEWVRGTYEHVGHPPPQDKAIKENIPVLAAYGASTFNRTVSKRGFQK
KGRSMVTGDLVDMVGEVYEEVFGNPGEVEGRGKL
;
_entity_poly.pdbx_strand_id   A
#
loop_
_chem_comp.id
_chem_comp.type
_chem_comp.name
_chem_comp.formula
ANP non-polymer 'PHOSPHOAMINOPHOSPHONIC ACID-ADENYLATE ESTER' 'C10 H17 N6 O12 P3'
EDO non-polymer 1,2-ETHANEDIOL 'C2 H6 O2'
MG non-polymer 'MAGNESIUM ION' 'Mg 2'
PO4 non-polymer 'PHOSPHATE ION' 'O4 P -3'
#
# COMPACT_ATOMS: atom_id res chain seq x y z
N HIS A 8 21.88 -2.50 -17.90
CA HIS A 8 22.84 -3.47 -17.39
C HIS A 8 22.64 -3.67 -15.89
N MET A 9 23.50 -3.03 -15.10
CA MET A 9 23.37 -3.09 -13.65
C MET A 9 21.97 -2.73 -13.19
N ALA A 10 21.37 -1.70 -13.79
CA ALA A 10 20.04 -1.26 -13.38
C ALA A 10 18.99 -2.31 -13.71
N SER A 11 19.15 -2.98 -14.86
CA SER A 11 18.21 -4.03 -15.23
C SER A 11 18.34 -5.23 -14.30
N LYS A 12 19.57 -5.60 -13.96
CA LYS A 12 19.78 -6.74 -13.08
C LYS A 12 19.27 -6.44 -11.67
N GLN A 13 19.53 -5.23 -11.18
CA GLN A 13 19.05 -4.92 -9.85
C GLN A 13 17.53 -4.88 -9.81
N HIS A 14 16.91 -4.29 -10.83
CA HIS A 14 15.45 -4.21 -10.85
C HIS A 14 14.84 -5.60 -10.84
N ALA A 15 15.35 -6.48 -11.71
CA ALA A 15 14.84 -7.84 -11.79
C ALA A 15 15.04 -8.56 -10.47
N HIS A 16 16.21 -8.37 -9.86
CA HIS A 16 16.50 -9.01 -8.58
C HIS A 16 15.55 -8.55 -7.48
N ILE A 17 15.34 -7.24 -7.34
CA ILE A 17 14.46 -6.78 -6.28
C ILE A 17 13.03 -7.21 -6.55
N LEU A 18 12.61 -7.15 -7.82
CA LEU A 18 11.29 -7.67 -8.17
C LEU A 18 11.16 -9.14 -7.80
N SER A 19 12.21 -9.93 -8.06
CA SER A 19 12.20 -11.34 -7.67
C SER A 19 12.02 -11.49 -6.16
N LEU A 20 12.67 -10.64 -5.35
CA LEU A 20 12.46 -10.71 -3.91
C LEU A 20 11.02 -10.39 -3.54
N ALA A 21 10.44 -9.35 -4.16
CA ALA A 21 9.03 -9.06 -3.93
C ALA A 21 8.18 -10.27 -4.28
N ARG A 22 8.46 -10.92 -5.42
CA ARG A 22 7.70 -12.10 -5.82
C ARG A 22 7.79 -13.21 -4.79
N SER A 23 8.91 -13.28 -4.06
CA SER A 23 9.07 -14.32 -3.06
CA SER A 23 9.07 -14.32 -3.06
C SER A 23 8.10 -14.18 -1.90
N MET A 24 7.46 -12.99 -1.74
CA MET A 24 6.53 -12.79 -0.65
C MET A 24 5.18 -13.46 -0.89
N ILE A 25 4.87 -13.81 -2.13
CA ILE A 25 3.51 -14.15 -2.55
C ILE A 25 3.20 -15.58 -2.13
N PRO A 26 2.14 -15.81 -1.36
CA PRO A 26 1.77 -17.18 -1.04
C PRO A 26 1.32 -17.91 -2.29
N PRO A 27 1.57 -19.21 -2.37
CA PRO A 27 1.05 -19.97 -3.51
C PRO A 27 -0.45 -20.10 -3.35
N LEU A 28 -1.14 -20.24 -4.46
CA LEU A 28 -2.55 -20.64 -4.45
C LEU A 28 -2.59 -22.15 -4.27
N HIS A 29 -2.99 -22.59 -3.09
CA HIS A 29 -2.71 -23.94 -2.63
C HIS A 29 -3.98 -24.47 -1.99
N PRO A 30 -4.31 -25.75 -2.21
CA PRO A 30 -5.54 -26.32 -1.64
C PRO A 30 -5.64 -26.21 -0.13
N LYS A 31 -4.51 -26.11 0.59
CA LYS A 31 -4.58 -26.13 2.05
C LYS A 31 -4.92 -24.77 2.66
N LEU A 32 -4.81 -23.69 1.89
CA LEU A 32 -5.14 -22.38 2.44
C LEU A 32 -6.67 -22.21 2.48
N HIS A 33 -7.13 -21.46 3.47
CA HIS A 33 -8.55 -21.16 3.60
C HIS A 33 -8.80 -19.65 3.51
N LYS A 34 -10.08 -19.30 3.37
CA LYS A 34 -10.49 -17.92 3.14
C LYS A 34 -9.86 -16.97 4.15
N GLY A 35 -9.17 -15.94 3.64
CA GLY A 35 -8.55 -14.94 4.47
C GLY A 35 -7.04 -15.03 4.59
N GLN A 36 -6.45 -16.20 4.38
CA GLN A 36 -5.00 -16.30 4.54
C GLN A 36 -4.23 -15.62 3.41
N ALA A 37 -4.88 -15.34 2.28
CA ALA A 37 -4.25 -14.54 1.24
C ALA A 37 -4.60 -13.06 1.35
N GLY A 38 -5.05 -12.60 2.51
CA GLY A 38 -5.11 -11.16 2.76
C GLY A 38 -6.51 -10.68 3.10
N ARG A 39 -6.61 -9.95 4.22
CA ARG A 39 -7.81 -9.23 4.59
C ARG A 39 -7.41 -7.76 4.66
N ILE A 40 -7.86 -6.98 3.69
CA ILE A 40 -7.39 -5.61 3.49
C ILE A 40 -8.53 -4.64 3.81
N GLY A 41 -8.22 -3.58 4.53
CA GLY A 41 -9.18 -2.51 4.80
C GLY A 41 -8.74 -1.20 4.14
N VAL A 42 -9.73 -0.42 3.73
CA VAL A 42 -9.53 0.93 3.21
C VAL A 42 -10.37 1.87 4.07
N LEU A 43 -9.73 2.86 4.69
CA LEU A 43 -10.43 3.82 5.52
C LEU A 43 -10.47 5.16 4.80
N GLY A 44 -11.67 5.60 4.47
CA GLY A 44 -11.83 6.84 3.73
C GLY A 44 -13.30 7.07 3.41
N GLY A 45 -13.61 7.42 2.16
CA GLY A 45 -14.99 7.58 1.74
C GLY A 45 -15.80 8.55 2.60
N SER A 46 -15.44 9.82 2.58
CA SER A 46 -16.21 10.83 3.27
C SER A 46 -16.99 11.66 2.27
N GLY A 47 -18.17 12.11 2.68
CA GLY A 47 -18.91 13.09 1.90
C GLY A 47 -19.10 12.66 0.47
N ASP A 48 -18.59 13.47 -0.46
CA ASP A 48 -18.78 13.20 -1.87
C ASP A 48 -17.74 12.26 -2.48
N TYR A 49 -16.64 12.00 -1.80
N TYR A 49 -16.69 11.83 -1.75
CA TYR A 49 -15.67 11.06 -2.31
CA TYR A 49 -15.56 11.11 -2.38
C TYR A 49 -16.32 9.69 -2.36
C TYR A 49 -15.78 9.60 -2.43
N SER A 50 -16.37 9.14 -3.54
CA SER A 50 -16.82 7.77 -3.71
C SER A 50 -15.81 6.89 -4.46
N GLY A 51 -15.10 7.48 -5.43
CA GLY A 51 -14.31 6.68 -6.35
C GLY A 51 -13.02 6.14 -5.77
N ALA A 52 -12.22 7.00 -5.13
CA ALA A 52 -10.92 6.58 -4.61
C ALA A 52 -10.98 5.35 -3.70
N PRO A 53 -11.87 5.26 -2.68
CA PRO A 53 -11.87 4.04 -1.86
C PRO A 53 -12.28 2.80 -2.63
N TYR A 54 -13.17 2.96 -3.63
CA TYR A 54 -13.47 1.86 -4.53
C TYR A 54 -12.23 1.42 -5.31
N PHE A 55 -11.51 2.36 -5.91
CA PHE A 55 -10.35 1.96 -6.70
C PHE A 55 -9.35 1.20 -5.84
N SER A 56 -9.09 1.69 -4.62
CA SER A 56 -8.10 1.06 -3.75
C SER A 56 -8.57 -0.32 -3.30
N SER A 57 -9.82 -0.41 -2.83
CA SER A 57 -10.28 -1.70 -2.30
C SER A 57 -10.56 -2.71 -3.41
N MET A 58 -11.22 -2.30 -4.49
CA MET A 58 -11.43 -3.26 -5.59
C MET A 58 -10.10 -3.61 -6.28
N GLY A 59 -9.19 -2.64 -6.40
CA GLY A 59 -7.85 -2.98 -6.86
C GLY A 59 -7.21 -4.06 -6.01
N ALA A 60 -7.37 -3.95 -4.69
CA ALA A 60 -6.83 -4.96 -3.78
C ALA A 60 -7.42 -6.32 -4.06
N MET A 61 -8.75 -6.41 -4.23
CA MET A 61 -9.37 -7.70 -4.55
CA MET A 61 -9.40 -7.67 -4.57
C MET A 61 -8.87 -8.25 -5.88
N ARG A 62 -8.77 -7.42 -6.91
CA ARG A 62 -8.33 -7.94 -8.20
C ARG A 62 -6.86 -8.35 -8.17
N PHE A 63 -6.08 -7.70 -7.30
CA PHE A 63 -4.68 -8.06 -7.14
C PHE A 63 -4.52 -9.41 -6.44
N GLY A 64 -5.43 -9.75 -5.53
CA GLY A 64 -5.40 -11.06 -4.91
C GLY A 64 -5.90 -11.19 -3.49
N ALA A 65 -6.39 -10.10 -2.87
CA ALA A 65 -6.86 -10.22 -1.50
C ALA A 65 -8.07 -11.16 -1.44
N ASP A 66 -8.21 -11.89 -0.32
CA ASP A 66 -9.42 -12.69 -0.16
C ASP A 66 -10.63 -11.83 0.21
N LEU A 67 -10.41 -10.80 1.04
CA LEU A 67 -11.46 -9.93 1.53
CA LEU A 67 -11.46 -9.93 1.53
C LEU A 67 -10.95 -8.50 1.54
N ALA A 68 -11.75 -7.58 1.04
CA ALA A 68 -11.44 -6.16 1.13
C ALA A 68 -12.62 -5.48 1.82
N HIS A 69 -12.30 -4.63 2.78
CA HIS A 69 -13.26 -3.92 3.62
C HIS A 69 -13.10 -2.44 3.38
N VAL A 70 -14.20 -1.73 3.26
CA VAL A 70 -14.16 -0.28 3.16
C VAL A 70 -14.79 0.26 4.44
N ILE A 71 -14.10 1.18 5.08
CA ILE A 71 -14.56 1.79 6.32
C ILE A 71 -14.83 3.26 6.00
N CYS A 72 -16.10 3.68 6.03
CA CYS A 72 -16.43 5.00 5.48
C CYS A 72 -17.67 5.58 6.18
N GLU A 73 -18.07 6.78 5.73
CA GLU A 73 -19.33 7.41 6.14
C GLU A 73 -20.51 6.82 5.38
N PRO A 74 -21.72 6.94 5.94
CA PRO A 74 -22.91 6.32 5.30
C PRO A 74 -23.19 6.77 3.86
N SER A 75 -23.06 8.06 3.54
CA SER A 75 -23.44 8.51 2.19
CA SER A 75 -23.45 8.51 2.19
C SER A 75 -22.51 7.93 1.13
N ALA A 76 -21.21 8.08 1.30
CA ALA A 76 -20.27 7.47 0.37
C ALA A 76 -20.43 5.97 0.38
N GLY A 77 -20.67 5.39 1.56
CA GLY A 77 -20.77 3.95 1.64
C GLY A 77 -21.91 3.39 0.80
N ALA A 78 -23.04 4.10 0.76
CA ALA A 78 -24.17 3.64 -0.03
C ALA A 78 -23.81 3.59 -1.52
N VAL A 79 -23.05 4.59 -1.99
CA VAL A 79 -22.59 4.57 -3.39
C VAL A 79 -21.60 3.44 -3.61
N ILE A 80 -20.61 3.32 -2.72
CA ILE A 80 -19.52 2.38 -2.95
C ILE A 80 -20.05 0.96 -3.01
N LYS A 81 -21.06 0.64 -2.20
CA LYS A 81 -21.64 -0.70 -2.23
C LYS A 81 -22.22 -1.02 -3.60
N THR A 82 -22.81 -0.03 -4.28
CA THR A 82 -23.40 -0.30 -5.59
C THR A 82 -22.36 -0.65 -6.64
N TYR A 83 -21.12 -0.21 -6.46
CA TYR A 83 -20.09 -0.53 -7.44
C TYR A 83 -19.76 -2.01 -7.46
N SER A 84 -19.86 -2.70 -6.33
CA SER A 84 -19.43 -4.10 -6.31
C SER A 84 -19.99 -4.85 -5.12
N PRO A 85 -20.68 -5.96 -5.35
CA PRO A 85 -21.07 -6.83 -4.24
C PRO A 85 -19.90 -7.51 -3.55
N ASP A 86 -18.68 -7.47 -4.13
CA ASP A 86 -17.58 -8.19 -3.49
C ASP A 86 -16.90 -7.41 -2.39
N LEU A 87 -17.18 -6.12 -2.27
CA LEU A 87 -16.62 -5.32 -1.19
C LEU A 87 -17.52 -5.37 0.03
N ILE A 88 -16.91 -5.41 1.19
CA ILE A 88 -17.61 -5.33 2.47
C ILE A 88 -17.47 -3.89 2.95
N VAL A 89 -18.55 -3.13 2.92
CA VAL A 89 -18.48 -1.70 3.19
C VAL A 89 -19.08 -1.46 4.57
N HIS A 90 -18.29 -0.91 5.48
CA HIS A 90 -18.74 -0.63 6.84
C HIS A 90 -18.98 0.86 6.98
N THR A 91 -20.25 1.25 7.08
CA THR A 91 -20.56 2.69 7.15
C THR A 91 -20.50 3.21 8.57
N ILE A 92 -19.39 2.87 9.26
CA ILE A 92 -19.33 3.06 10.71
C ILE A 92 -18.77 4.42 11.10
N LEU A 93 -18.30 5.21 10.15
CA LEU A 93 -17.75 6.53 10.45
C LEU A 93 -18.86 7.59 10.41
N ASP A 94 -19.96 7.24 11.05
CA ASP A 94 -21.15 8.07 11.01
C ASP A 94 -20.98 9.21 12.00
N PRO A 95 -20.92 10.47 11.56
CA PRO A 95 -20.75 11.56 12.52
C PRO A 95 -21.90 11.70 13.51
N GLN A 96 -23.02 10.99 13.31
CA GLN A 96 -24.04 10.96 14.35
C GLN A 96 -23.76 9.92 15.42
N LYS A 97 -22.63 9.21 15.35
CA LYS A 97 -22.26 8.25 16.36
C LYS A 97 -21.24 8.87 17.31
N SER A 98 -21.28 8.42 18.57
CA SER A 98 -20.30 8.87 19.55
C SER A 98 -18.89 8.44 19.15
N ARG A 99 -17.90 9.15 19.68
CA ARG A 99 -16.52 8.79 19.43
CA ARG A 99 -16.52 8.79 19.41
C ARG A 99 -16.19 7.39 19.95
N GLU A 100 -16.62 7.09 21.17
CA GLU A 100 -16.38 5.77 21.73
C GLU A 100 -16.99 4.68 20.86
N ASP A 101 -18.21 4.89 20.38
CA ASP A 101 -18.83 3.91 19.51
C ASP A 101 -18.02 3.73 18.24
N ILE A 102 -17.53 4.83 17.67
CA ILE A 102 -16.72 4.73 16.47
C ILE A 102 -15.43 3.99 16.76
N ARG A 103 -14.75 4.36 17.85
CA ARG A 103 -13.53 3.66 18.25
C ARG A 103 -13.77 2.17 18.39
N SER A 104 -14.82 1.77 19.09
CA SER A 104 -15.06 0.34 19.28
C SER A 104 -15.52 -0.32 17.98
N ALA A 105 -16.29 0.39 17.15
CA ALA A 105 -16.65 -0.19 15.85
C ALA A 105 -15.41 -0.36 14.97
N LEU A 106 -14.56 0.65 14.93
CA LEU A 106 -13.31 0.58 14.18
C LEU A 106 -12.42 -0.56 14.66
N LYS A 107 -12.27 -0.68 15.99
CA LYS A 107 -11.48 -1.76 16.57
C LYS A 107 -12.03 -3.12 16.16
N GLY A 108 -13.35 -3.27 16.15
CA GLY A 108 -13.95 -4.53 15.72
C GLY A 108 -13.53 -4.91 14.30
N VAL A 109 -13.66 -3.99 13.36
CA VAL A 109 -13.29 -4.27 11.98
C VAL A 109 -11.77 -4.46 11.85
N MET A 110 -10.98 -3.58 12.47
CA MET A 110 -9.53 -3.65 12.32
C MET A 110 -8.96 -4.94 12.88
N SER A 111 -9.54 -5.47 13.95
CA SER A 111 -9.04 -6.74 14.47
C SER A 111 -9.15 -7.88 13.46
N ARG A 112 -9.87 -7.67 12.35
CA ARG A 112 -10.03 -8.68 11.31
CA ARG A 112 -10.03 -8.69 11.32
C ARG A 112 -9.21 -8.37 10.07
N LEU A 113 -8.24 -7.46 10.18
CA LEU A 113 -7.46 -7.02 9.02
C LEU A 113 -5.98 -7.33 9.18
N HIS A 114 -5.31 -7.59 8.05
CA HIS A 114 -3.84 -7.63 7.99
C HIS A 114 -3.26 -6.22 7.80
N VAL A 115 -3.94 -5.42 6.99
CA VAL A 115 -3.41 -4.13 6.52
C VAL A 115 -4.58 -3.18 6.41
N LEU A 116 -4.36 -1.92 6.81
CA LEU A 116 -5.35 -0.86 6.67
C LEU A 116 -4.73 0.23 5.81
N ILE A 117 -5.41 0.55 4.71
CA ILE A 117 -5.04 1.67 3.84
C ILE A 117 -5.82 2.88 4.31
N ILE A 118 -5.12 3.88 4.85
CA ILE A 118 -5.76 5.06 5.40
C ILE A 118 -5.61 6.18 4.39
N GLY A 119 -6.73 6.76 3.94
CA GLY A 119 -6.65 7.97 3.14
C GLY A 119 -7.55 8.10 1.89
N PRO A 120 -7.79 7.01 1.16
CA PRO A 120 -8.58 7.14 -0.09
C PRO A 120 -9.96 7.76 0.12
N GLY A 121 -10.18 8.96 -0.43
CA GLY A 121 -11.43 9.68 -0.23
C GLY A 121 -11.65 10.14 1.19
N LEU A 122 -10.60 10.22 1.99
CA LEU A 122 -10.75 10.58 3.41
C LEU A 122 -11.20 12.03 3.57
N GLY A 123 -10.63 12.95 2.80
CA GLY A 123 -10.93 14.35 3.00
C GLY A 123 -10.25 14.89 4.24
N ARG A 124 -10.48 16.18 4.48
CA ARG A 124 -9.74 16.92 5.47
C ARG A 124 -10.61 17.45 6.60
N ASP A 125 -11.88 17.06 6.67
CA ASP A 125 -12.69 17.68 7.71
C ASP A 125 -12.43 17.01 9.06
N ASP A 126 -12.77 17.74 10.13
CA ASP A 126 -12.33 17.37 11.47
C ASP A 126 -12.75 15.96 11.83
N HIS A 127 -13.99 15.61 11.50
CA HIS A 127 -14.53 14.29 11.84
C HIS A 127 -13.71 13.17 11.21
N MET A 128 -13.53 13.21 9.88
CA MET A 128 -12.82 12.12 9.21
C MET A 128 -11.36 12.11 9.58
N GLN A 129 -10.75 13.29 9.78
CA GLN A 129 -9.37 13.32 10.26
C GLN A 129 -9.27 12.71 11.66
N SER A 130 -10.27 12.94 12.51
CA SER A 130 -10.24 12.33 13.83
CA SER A 130 -10.26 12.33 13.84
C SER A 130 -10.40 10.82 13.74
N CYS A 131 -11.31 10.34 12.87
CA CYS A 131 -11.45 8.91 12.63
C CYS A 131 -10.13 8.29 12.14
N ALA A 132 -9.42 8.97 11.23
CA ALA A 132 -8.15 8.44 10.77
C ALA A 132 -7.13 8.38 11.92
N LYS A 133 -7.17 9.37 12.82
CA LYS A 133 -6.24 9.39 13.94
C LYS A 133 -6.50 8.23 14.91
N ILE A 134 -7.78 8.01 15.25
CA ILE A 134 -8.18 6.80 15.97
C ILE A 134 -7.60 5.55 15.30
N ALA A 135 -7.74 5.44 13.97
CA ALA A 135 -7.29 4.24 13.30
C ALA A 135 -5.76 4.12 13.36
N PHE A 136 -5.05 5.24 13.23
CA PHE A 136 -3.60 5.23 13.44
C PHE A 136 -3.25 4.72 14.84
N GLU A 137 -4.01 5.13 15.85
CA GLU A 137 -3.71 4.78 17.23
C GLU A 137 -3.95 3.29 17.48
N LEU A 138 -5.05 2.75 16.96
CA LEU A 138 -5.32 1.32 17.09
C LEU A 138 -4.31 0.49 16.32
N ALA A 139 -3.97 0.90 15.10
CA ALA A 139 -2.98 0.18 14.30
C ALA A 139 -1.65 0.14 15.02
N LYS A 140 -1.23 1.27 15.60
CA LYS A 140 0.01 1.32 16.36
C LYS A 140 0.07 0.21 17.41
N ASP A 141 -1.04 0.00 18.13
CA ASP A 141 -1.05 -0.94 19.24
C ASP A 141 -1.41 -2.36 18.80
N MET A 142 -1.76 -2.58 17.53
CA MET A 142 -1.96 -3.89 16.94
C MET A 142 -0.68 -4.25 16.19
N GLU A 143 0.17 -5.06 16.81
CA GLU A 143 1.55 -5.17 16.32
C GLU A 143 1.65 -5.87 14.97
N GLN A 144 0.68 -6.69 14.57
CA GLN A 144 0.74 -7.40 13.30
CA GLN A 144 0.74 -7.40 13.30
C GLN A 144 -0.02 -6.66 12.19
N MET A 145 -0.35 -5.40 12.40
CA MET A 145 -1.13 -4.61 11.45
C MET A 145 -0.20 -3.77 10.59
N GLY A 146 -0.30 -3.92 9.26
CA GLY A 146 0.39 -3.02 8.37
C GLY A 146 -0.47 -1.83 8.01
N VAL A 147 0.17 -0.72 7.64
CA VAL A 147 -0.58 0.48 7.28
C VAL A 147 0.03 1.10 6.02
N VAL A 148 -0.84 1.44 5.06
CA VAL A 148 -0.50 2.24 3.88
C VAL A 148 -1.25 3.57 4.01
N VAL A 149 -0.55 4.67 3.78
CA VAL A 149 -1.10 6.01 3.99
C VAL A 149 -1.08 6.75 2.65
N ASP A 150 -2.23 7.22 2.19
CA ASP A 150 -2.29 7.98 0.94
C ASP A 150 -3.25 9.14 1.07
N ALA A 151 -3.20 10.05 0.10
CA ALA A 151 -4.20 11.13 -0.07
C ALA A 151 -4.27 11.93 1.23
N ASP A 152 -5.45 12.19 1.78
CA ASP A 152 -5.50 13.03 2.97
C ASP A 152 -5.10 12.30 4.25
N GLY A 153 -4.86 10.99 4.19
CA GLY A 153 -4.15 10.37 5.28
C GLY A 153 -2.79 11.03 5.48
N LEU A 154 -2.17 11.45 4.37
CA LEU A 154 -0.89 12.15 4.44
C LEU A 154 -1.04 13.56 4.96
N TRP A 155 -2.20 14.19 4.75
CA TRP A 155 -2.48 15.47 5.39
C TRP A 155 -2.45 15.33 6.91
N LEU A 156 -2.98 14.23 7.44
CA LEU A 156 -2.93 14.03 8.89
C LEU A 156 -1.49 13.88 9.38
N VAL A 157 -0.70 13.03 8.71
CA VAL A 157 0.72 12.90 9.05
C VAL A 157 1.42 14.25 9.00
N GLN A 158 1.15 15.02 7.94
CA GLN A 158 1.73 16.36 7.82
C GLN A 158 1.36 17.26 9.01
N ASN A 159 0.17 17.08 9.56
CA ASN A 159 -0.23 17.88 10.70
C ASN A 159 0.23 17.29 12.02
N GLU A 160 0.29 15.96 12.13
CA GLU A 160 0.68 15.29 13.36
C GLU A 160 1.61 14.14 13.00
N PRO A 161 2.89 14.43 12.74
CA PRO A 161 3.79 13.36 12.26
C PRO A 161 4.03 12.28 13.29
N LYS A 162 3.82 12.56 14.58
CA LYS A 162 4.01 11.56 15.61
C LYS A 162 3.09 10.35 15.43
N VAL A 163 1.98 10.47 14.69
CA VAL A 163 1.09 9.34 14.48
C VAL A 163 1.82 8.16 13.82
N VAL A 164 2.93 8.40 13.12
CA VAL A 164 3.68 7.31 12.52
C VAL A 164 4.96 7.00 13.26
N MET A 165 5.33 7.82 14.24
CA MET A 165 6.61 7.70 14.92
C MET A 165 6.51 6.81 16.18
N ASP A 166 7.60 6.08 16.44
CA ASP A 166 7.73 5.17 17.59
C ASP A 166 6.66 4.07 17.60
N TRP A 167 6.59 3.31 16.48
CA TRP A 167 5.69 2.17 16.58
C TRP A 167 6.42 0.92 17.10
N PRO A 168 5.75 0.09 17.89
CA PRO A 168 6.30 -1.20 18.28
C PRO A 168 6.16 -2.24 17.19
N GLY A 169 6.92 -3.32 17.34
CA GLY A 169 6.93 -4.38 16.35
C GLY A 169 7.86 -4.05 15.20
N VAL A 170 7.71 -4.82 14.12
CA VAL A 170 8.54 -4.64 12.95
C VAL A 170 8.05 -3.38 12.24
N PRO A 171 8.87 -2.73 11.42
CA PRO A 171 8.36 -1.62 10.61
C PRO A 171 7.27 -2.11 9.66
N ARG A 172 6.20 -1.33 9.53
CA ARG A 172 5.03 -1.81 8.80
C ARG A 172 4.17 -0.65 8.30
N ILE A 173 4.80 0.47 7.95
CA ILE A 173 4.09 1.64 7.41
C ILE A 173 4.71 2.00 6.08
N ILE A 174 3.86 2.29 5.09
CA ILE A 174 4.25 2.78 3.77
C ILE A 174 3.43 4.03 3.47
N LEU A 175 4.11 5.13 3.16
CA LEU A 175 3.47 6.38 2.76
C LEU A 175 3.64 6.58 1.25
N THR A 176 2.60 7.09 0.57
CA THR A 176 2.67 7.23 -0.90
C THR A 176 2.33 8.65 -1.34
N PRO A 177 3.17 9.64 -1.01
CA PRO A 177 2.86 11.02 -1.41
C PRO A 177 3.16 11.29 -2.88
N ASN A 178 2.31 12.09 -3.50
CA ASN A 178 2.63 12.63 -4.80
C ASN A 178 3.60 13.80 -4.59
N VAL A 179 3.88 14.55 -5.66
CA VAL A 179 4.92 15.57 -5.62
C VAL A 179 4.61 16.63 -4.57
N MET A 180 3.36 17.13 -4.55
CA MET A 180 3.04 18.22 -3.62
C MET A 180 2.88 17.72 -2.19
N GLU A 181 2.24 16.57 -2.00
CA GLU A 181 2.17 15.97 -0.68
C GLU A 181 3.57 15.72 -0.13
N PHE A 182 4.50 15.29 -0.98
CA PHE A 182 5.88 15.05 -0.53
C PHE A 182 6.52 16.34 -0.07
N LYS A 183 6.38 17.41 -0.86
CA LYS A 183 6.94 18.70 -0.49
C LYS A 183 6.37 19.19 0.83
N ARG A 184 5.06 19.01 1.04
CA ARG A 184 4.47 19.42 2.31
C ARG A 184 5.05 18.63 3.47
N LEU A 185 5.21 17.31 3.29
CA LEU A 185 5.82 16.49 4.33
C LEU A 185 7.23 16.95 4.67
N CYS A 186 8.04 17.21 3.63
CA CYS A 186 9.40 17.71 3.86
C CYS A 186 9.39 19.04 4.62
N ASP A 187 8.44 19.92 4.31
CA ASP A 187 8.39 21.19 5.01
C ASP A 187 8.07 20.99 6.49
N THR A 188 7.11 20.11 6.79
CA THR A 188 6.81 19.82 8.19
C THR A 188 8.05 19.31 8.93
N MET A 189 8.80 18.42 8.31
CA MET A 189 9.95 17.81 8.97
C MET A 189 11.23 18.63 8.79
N LYS A 190 11.11 19.88 8.32
CA LYS A 190 12.23 20.82 8.19
C LYS A 190 13.35 20.23 7.34
N ILE A 191 12.99 19.56 6.26
CA ILE A 191 13.96 18.99 5.34
C ILE A 191 14.20 19.99 4.22
N ASN A 192 15.47 20.35 4.02
CA ASN A 192 15.83 21.40 3.08
C ASN A 192 15.68 20.91 1.64
N ALA A 193 14.98 21.70 0.82
CA ALA A 193 14.71 21.31 -0.55
C ALA A 193 15.90 21.49 -1.47
N SER A 194 16.95 22.20 -1.03
CA SER A 194 18.17 22.35 -1.80
C SER A 194 19.00 21.07 -1.83
N GLY A 195 18.60 20.03 -1.10
CA GLY A 195 19.35 18.80 -1.06
C GLY A 195 19.33 18.09 -2.40
N PRO A 196 20.27 17.17 -2.60
CA PRO A 196 20.24 16.32 -3.80
C PRO A 196 18.89 15.63 -3.94
N HIS A 197 18.38 15.58 -5.17
CA HIS A 197 17.01 15.15 -5.41
C HIS A 197 16.71 13.77 -4.82
N THR A 198 17.64 12.81 -4.98
CA THR A 198 17.44 11.44 -4.52
C THR A 198 17.76 11.27 -3.04
N SER A 199 18.21 12.32 -2.38
CA SER A 199 18.43 12.26 -0.95
C SER A 199 17.25 12.78 -0.14
N LEU A 200 16.26 13.39 -0.81
CA LEU A 200 15.13 13.94 -0.06
C LEU A 200 14.26 12.85 0.53
N CYS A 201 13.96 11.80 -0.26
CA CYS A 201 13.08 10.75 0.25
C CYS A 201 13.72 10.00 1.42
N PRO A 202 14.97 9.53 1.35
CA PRO A 202 15.57 8.92 2.54
C PRO A 202 15.64 9.84 3.75
N GLN A 203 15.83 11.15 3.56
CA GLN A 203 15.83 12.06 4.70
C GLN A 203 14.45 12.12 5.37
N LEU A 204 13.40 12.23 4.55
CA LEU A 204 12.04 12.27 5.08
C LEU A 204 11.69 10.98 5.80
N ALA A 205 11.99 9.83 5.17
CA ALA A 205 11.74 8.54 5.83
C ALA A 205 12.46 8.47 7.17
N THR A 206 13.74 8.87 7.20
CA THR A 206 14.50 8.87 8.44
C THR A 206 13.82 9.74 9.48
N ALA A 207 13.41 10.95 9.08
CA ALA A 207 12.77 11.88 10.00
C ALA A 207 11.44 11.33 10.49
N LEU A 208 10.81 10.45 9.73
CA LEU A 208 9.57 9.81 10.13
C LEU A 208 9.80 8.43 10.74
N GLY A 209 10.97 8.21 11.34
CA GLY A 209 11.21 6.94 12.01
C GLY A 209 11.41 5.75 11.09
N ASN A 210 11.94 5.98 9.88
CA ASN A 210 12.24 4.94 8.89
C ASN A 210 11.00 4.22 8.39
N ALA A 211 9.87 4.93 8.33
CA ALA A 211 8.77 4.46 7.49
C ALA A 211 9.24 4.39 6.04
N THR A 212 8.58 3.54 5.26
CA THR A 212 8.90 3.42 3.85
C THR A 212 8.03 4.42 3.08
N ILE A 213 8.65 5.14 2.15
CA ILE A 213 7.95 6.19 1.41
C ILE A 213 8.08 5.92 -0.07
N ILE A 214 6.96 5.91 -0.79
CA ILE A 214 6.98 5.93 -2.25
C ILE A 214 6.75 7.38 -2.68
N GLN A 215 7.80 8.03 -3.17
CA GLN A 215 7.69 9.38 -3.72
C GLN A 215 7.30 9.22 -5.19
N LYS A 216 6.02 9.41 -5.49
CA LYS A 216 5.47 9.17 -6.82
C LYS A 216 5.83 10.30 -7.77
N GLY A 217 6.13 9.95 -9.02
CA GLY A 217 6.40 10.93 -10.04
C GLY A 217 6.75 10.31 -11.38
N PRO A 218 7.36 11.10 -12.27
CA PRO A 218 7.83 10.55 -13.56
C PRO A 218 8.60 9.26 -13.39
N SER A 219 9.43 9.18 -12.35
CA SER A 219 9.81 7.93 -11.73
C SER A 219 9.41 7.98 -10.26
N ASP A 220 9.37 6.81 -9.63
CA ASP A 220 9.10 6.74 -8.19
C ASP A 220 10.40 6.52 -7.44
N ILE A 221 10.59 7.26 -6.34
CA ILE A 221 11.73 7.09 -5.45
CA ILE A 221 11.74 7.07 -5.46
C ILE A 221 11.23 6.45 -4.17
N ILE A 222 11.83 5.32 -3.80
CA ILE A 222 11.38 4.53 -2.66
C ILE A 222 12.49 4.48 -1.63
N SER A 223 12.16 4.73 -0.36
CA SER A 223 13.18 4.71 0.68
C SER A 223 12.54 4.51 2.05
N ASN A 224 13.23 3.78 2.93
CA ASN A 224 12.94 3.82 4.37
C ASN A 224 14.02 4.54 5.15
N GLY A 225 14.93 5.25 4.45
CA GLY A 225 15.99 6.00 5.10
C GLY A 225 17.25 5.20 5.36
N LEU A 226 17.20 3.88 5.25
CA LEU A 226 18.35 3.03 5.53
C LEU A 226 18.97 2.53 4.24
N LYS A 227 20.25 2.21 4.29
CA LYS A 227 20.88 1.62 3.12
C LYS A 227 20.16 0.34 2.75
N ILE A 228 20.13 0.05 1.45
CA ILE A 228 19.43 -1.14 0.95
C ILE A 228 20.31 -2.35 1.22
N PRO A 229 19.91 -3.26 2.11
CA PRO A 229 20.85 -4.29 2.58
C PRO A 229 21.35 -5.19 1.46
N PHE A 230 22.48 -5.84 1.75
CA PHE A 230 23.17 -6.69 0.79
C PHE A 230 22.23 -7.66 0.09
N ALA A 231 21.21 -8.16 0.81
CA ALA A 231 20.27 -9.09 0.20
C ALA A 231 19.50 -8.47 -0.96
N LEU A 232 19.41 -7.14 -1.02
CA LEU A 232 18.61 -6.46 -2.03
C LEU A 232 19.47 -5.72 -3.05
N LEU A 233 20.15 -4.64 -2.66
CA LEU A 233 20.85 -3.83 -3.66
C LEU A 233 22.19 -4.46 -4.04
N GLU A 236 30.76 -2.10 -3.57
CA GLU A 236 31.85 -3.06 -3.41
C GLU A 236 32.57 -2.69 -2.12
N SER A 237 33.48 -1.73 -2.24
CA SER A 237 33.86 -0.92 -1.11
C SER A 237 32.88 0.23 -0.87
N GLU A 238 31.89 0.39 -1.75
CA GLU A 238 30.90 1.45 -1.63
C GLU A 238 29.70 0.94 -0.86
N GLU A 239 29.04 1.84 -0.14
CA GLU A 239 27.83 1.50 0.59
C GLU A 239 26.69 1.38 -0.40
N GLU A 240 25.79 0.43 -0.12
CA GLU A 240 24.58 0.29 -0.90
C GLU A 240 23.78 1.58 -0.87
N GLN A 241 23.06 1.84 -1.95
CA GLN A 241 22.21 3.01 -1.98
C GLN A 241 21.22 2.98 -0.81
N ASN A 242 20.72 4.13 -0.40
CA ASN A 242 19.65 4.17 0.58
C ASN A 242 18.32 4.58 -0.05
N TYR A 243 18.16 4.35 -1.35
CA TYR A 243 16.91 4.56 -2.05
C TYR A 243 16.88 3.64 -3.26
N LEU A 244 15.68 3.39 -3.75
CA LEU A 244 15.48 2.67 -5.01
C LEU A 244 14.65 3.56 -5.92
N GLU A 245 14.89 3.49 -7.22
CA GLU A 245 14.17 4.32 -8.17
C GLU A 245 13.51 3.42 -9.21
N VAL A 246 12.19 3.49 -9.30
CA VAL A 246 11.43 2.73 -10.29
C VAL A 246 11.23 3.62 -11.50
N LYS A 247 11.84 3.25 -12.60
CA LYS A 247 11.71 3.97 -13.87
C LYS A 247 10.94 3.17 -14.93
N VAL A 248 10.26 2.09 -14.56
CA VAL A 248 9.61 1.28 -15.58
C VAL A 248 8.53 2.11 -16.29
N GLU A 249 8.36 1.86 -17.58
CA GLU A 249 7.39 2.59 -18.39
C GLU A 249 5.99 2.49 -17.77
N GLY A 250 5.37 3.65 -17.53
CA GLY A 250 3.98 3.72 -17.11
C GLY A 250 3.07 4.11 -18.27
N GLY A 251 1.88 4.59 -17.95
CA GLY A 251 1.00 5.10 -18.99
C GLY A 251 1.17 6.61 -19.17
N LEU A 252 0.65 7.12 -20.28
CA LEU A 252 0.80 8.55 -20.57
C LEU A 252 -0.45 9.36 -20.21
N LYS A 253 -1.58 8.71 -19.92
CA LYS A 253 -2.80 9.42 -19.59
C LYS A 253 -2.82 9.66 -18.08
N ARG A 254 -2.81 10.93 -17.67
CA ARG A 254 -2.71 11.31 -16.25
C ARG A 254 -4.08 11.47 -15.61
N VAL A 255 -4.97 10.50 -15.86
CA VAL A 255 -6.31 10.53 -15.30
C VAL A 255 -6.23 10.25 -13.79
N GLY A 256 -7.12 10.89 -13.03
CA GLY A 256 -7.09 10.72 -11.57
C GLY A 256 -7.37 9.29 -11.16
N GLY A 257 -6.80 8.89 -10.03
CA GLY A 257 -7.11 7.59 -9.43
C GLY A 257 -6.02 6.54 -9.49
N GLN A 258 -4.94 6.76 -10.25
CA GLN A 258 -3.94 5.71 -10.42
C GLN A 258 -3.15 5.48 -9.13
N GLY A 259 -3.06 6.48 -8.26
CA GLY A 259 -2.49 6.24 -6.95
C GLY A 259 -3.35 5.38 -6.05
N ASP A 260 -4.64 5.23 -6.37
CA ASP A 260 -5.45 4.35 -5.55
C ASP A 260 -5.26 2.89 -5.92
N ILE A 261 -5.06 2.61 -7.21
CA ILE A 261 -4.64 1.27 -7.61
C ILE A 261 -3.32 0.92 -6.93
N LEU A 262 -2.42 1.90 -6.84
CA LEU A 262 -1.13 1.69 -6.18
C LEU A 262 -1.31 1.36 -4.71
N SER A 263 -2.18 2.10 -4.00
CA SER A 263 -2.29 1.85 -2.57
C SER A 263 -2.91 0.49 -2.31
N GLY A 264 -3.89 0.10 -3.12
CA GLY A 264 -4.52 -1.19 -2.91
C GLY A 264 -3.55 -2.33 -3.17
N SER A 265 -2.76 -2.22 -4.25
CA SER A 265 -1.83 -3.29 -4.53
C SER A 265 -0.68 -3.30 -3.53
N THR A 266 -0.24 -2.10 -3.10
CA THR A 266 0.75 -2.01 -2.03
C THR A 266 0.25 -2.71 -0.78
N GLY A 267 -1.01 -2.51 -0.44
CA GLY A 267 -1.53 -3.12 0.78
C GLY A 267 -1.52 -4.63 0.71
N VAL A 268 -1.86 -5.18 -0.45
CA VAL A 268 -1.87 -6.64 -0.59
C VAL A 268 -0.46 -7.21 -0.47
N LEU A 269 0.51 -6.61 -1.17
CA LEU A 269 1.87 -7.13 -1.07
C LEU A 269 2.41 -7.01 0.34
N LEU A 270 2.04 -5.94 1.05
CA LEU A 270 2.45 -5.76 2.44
C LEU A 270 1.85 -6.86 3.33
N ALA A 271 0.56 -7.18 3.13
CA ALA A 271 -0.03 -8.26 3.92
C ALA A 271 0.67 -9.60 3.63
N TRP A 272 0.85 -9.93 2.35
CA TRP A 272 1.48 -11.21 1.99
C TRP A 272 2.88 -11.32 2.56
N GLY A 273 3.72 -10.32 2.32
CA GLY A 273 5.07 -10.35 2.87
C GLY A 273 5.10 -10.44 4.38
N SER A 274 4.16 -9.77 5.06
CA SER A 274 4.12 -9.83 6.51
C SER A 274 3.71 -11.23 6.99
N GLU A 275 2.65 -11.79 6.39
CA GLU A 275 2.25 -13.15 6.73
C GLU A 275 3.36 -14.14 6.41
N TRP A 276 4.09 -13.90 5.32
CA TRP A 276 5.17 -14.79 4.92
C TRP A 276 6.26 -14.84 6.00
N VAL A 277 6.74 -13.66 6.42
CA VAL A 277 7.73 -13.61 7.49
C VAL A 277 7.20 -14.20 8.79
N ARG A 278 5.89 -14.05 9.06
CA ARG A 278 5.30 -14.63 10.27
C ARG A 278 5.33 -16.16 10.27
N GLY A 279 5.54 -16.80 9.12
CA GLY A 279 5.49 -18.25 9.02
C GLY A 279 4.18 -18.82 8.50
N THR A 280 3.21 -17.98 8.15
CA THR A 280 1.88 -18.45 7.79
C THR A 280 1.89 -19.39 6.57
N TYR A 281 2.84 -19.22 5.64
CA TYR A 281 2.86 -19.97 4.38
C TYR A 281 3.88 -21.11 4.40
N GLU A 282 4.51 -21.37 5.55
CA GLU A 282 5.51 -22.43 5.63
C GLU A 282 4.92 -23.79 5.29
N HIS A 283 3.71 -24.08 5.78
CA HIS A 283 3.08 -25.38 5.53
C HIS A 283 2.61 -25.57 4.09
N VAL A 284 2.60 -24.52 3.27
CA VAL A 284 2.38 -24.68 1.84
C VAL A 284 3.66 -24.47 1.05
N GLY A 285 4.81 -24.62 1.69
CA GLY A 285 6.09 -24.60 0.98
C GLY A 285 6.75 -23.25 0.79
N HIS A 286 6.30 -22.20 1.50
CA HIS A 286 6.95 -20.89 1.46
C HIS A 286 7.36 -20.49 2.87
N PRO A 287 8.39 -21.12 3.43
CA PRO A 287 8.83 -20.75 4.78
C PRO A 287 9.40 -19.34 4.79
N PRO A 288 9.49 -18.71 5.95
CA PRO A 288 10.06 -17.36 6.03
C PRO A 288 11.47 -17.32 5.46
N PRO A 289 11.96 -16.15 5.09
CA PRO A 289 13.33 -16.05 4.60
C PRO A 289 14.34 -16.18 5.71
N GLN A 290 15.52 -16.68 5.35
CA GLN A 290 16.61 -16.81 6.31
C GLN A 290 17.13 -15.46 6.76
N ASP A 291 17.23 -14.53 5.82
CA ASP A 291 17.96 -13.28 6.03
C ASP A 291 17.11 -12.27 6.81
N LYS A 292 17.62 -11.81 7.95
CA LYS A 292 16.90 -10.82 8.75
C LYS A 292 16.65 -9.53 7.96
N ALA A 293 17.53 -9.23 7.00
CA ALA A 293 17.36 -8.01 6.23
C ALA A 293 16.08 -8.03 5.40
N ILE A 294 15.73 -9.20 4.86
CA ILE A 294 14.48 -9.31 4.12
C ILE A 294 13.28 -9.11 5.04
N LYS A 295 13.31 -9.69 6.24
CA LYS A 295 12.23 -9.48 7.19
C LYS A 295 12.06 -8.00 7.52
N GLU A 296 13.17 -7.32 7.78
CA GLU A 296 13.13 -5.91 8.12
C GLU A 296 12.76 -5.03 6.93
N ASN A 297 12.74 -5.57 5.72
CA ASN A 297 12.51 -4.75 4.54
C ASN A 297 11.28 -5.17 3.77
N ILE A 298 10.33 -5.88 4.41
CA ILE A 298 9.06 -6.19 3.74
C ILE A 298 8.41 -4.91 3.22
N PRO A 299 8.35 -3.80 3.97
CA PRO A 299 7.67 -2.63 3.40
C PRO A 299 8.35 -2.10 2.15
N VAL A 300 9.69 -2.11 2.10
CA VAL A 300 10.37 -1.63 0.89
C VAL A 300 10.08 -2.57 -0.29
N LEU A 301 10.06 -3.89 -0.04
CA LEU A 301 9.78 -4.84 -1.12
C LEU A 301 8.34 -4.73 -1.62
N ALA A 302 7.39 -4.63 -0.69
CA ALA A 302 6.00 -4.40 -1.09
C ALA A 302 5.90 -3.11 -1.90
N ALA A 303 6.59 -2.06 -1.45
CA ALA A 303 6.51 -0.78 -2.13
C ALA A 303 7.12 -0.88 -3.52
N TYR A 304 8.30 -1.48 -3.63
CA TYR A 304 8.94 -1.61 -4.94
C TYR A 304 8.10 -2.45 -5.90
N GLY A 305 7.59 -3.58 -5.41
CA GLY A 305 6.74 -4.42 -6.25
C GLY A 305 5.49 -3.71 -6.72
N ALA A 306 4.84 -2.97 -5.82
CA ALA A 306 3.59 -2.28 -6.18
C ALA A 306 3.86 -1.13 -7.12
N SER A 307 4.93 -0.36 -6.87
CA SER A 307 5.28 0.73 -7.79
C SER A 307 5.50 0.20 -9.20
N THR A 308 6.33 -0.83 -9.32
CA THR A 308 6.57 -1.48 -10.61
C THR A 308 5.26 -1.94 -11.23
N PHE A 309 4.45 -2.65 -10.44
CA PHE A 309 3.23 -3.22 -10.96
C PHE A 309 2.26 -2.14 -11.44
N ASN A 310 2.12 -1.07 -10.66
CA ASN A 310 1.12 -0.07 -10.97
C ASN A 310 1.45 0.68 -12.26
N ARG A 311 2.73 0.97 -12.50
CA ARG A 311 3.09 1.59 -13.75
C ARG A 311 2.84 0.63 -14.90
N THR A 312 3.00 -0.67 -14.66
CA THR A 312 2.76 -1.63 -15.72
C THR A 312 1.26 -1.74 -16.03
N VAL A 313 0.43 -1.66 -14.99
CA VAL A 313 -1.02 -1.59 -15.17
C VAL A 313 -1.40 -0.37 -15.99
N SER A 314 -0.89 0.81 -15.60
CA SER A 314 -1.19 2.03 -16.33
C SER A 314 -0.71 1.94 -17.78
N LYS A 315 0.50 1.40 -17.98
CA LYS A 315 1.00 1.16 -19.33
C LYS A 315 0.03 0.32 -20.15
N ARG A 316 -0.41 -0.82 -19.61
CA ARG A 316 -1.29 -1.70 -20.38
C ARG A 316 -2.67 -1.07 -20.61
N GLY A 317 -3.22 -0.39 -19.58
CA GLY A 317 -4.45 0.34 -19.77
C GLY A 317 -4.34 1.44 -20.81
N PHE A 318 -3.21 2.12 -20.85
CA PHE A 318 -3.00 3.15 -21.85
C PHE A 318 -2.84 2.54 -23.24
N GLN A 319 -2.19 1.37 -23.35
CA GLN A 319 -2.11 0.72 -24.64
C GLN A 319 -3.49 0.34 -25.15
N LYS A 320 -4.42 -0.01 -24.25
CA LYS A 320 -5.74 -0.43 -24.71
C LYS A 320 -6.67 0.75 -24.95
N LYS A 321 -6.62 1.79 -24.11
CA LYS A 321 -7.62 2.86 -24.13
C LYS A 321 -7.09 4.20 -24.63
N GLY A 322 -5.78 4.41 -24.55
CA GLY A 322 -5.19 5.64 -25.04
C GLY A 322 -5.73 6.87 -24.32
N ARG A 323 -6.03 7.90 -25.12
CA ARG A 323 -6.55 9.16 -24.57
C ARG A 323 -7.81 8.95 -23.73
N SER A 324 -8.56 7.90 -23.98
CA SER A 324 -9.83 7.69 -23.30
C SER A 324 -9.71 6.97 -21.96
N MET A 325 -8.51 6.54 -21.55
CA MET A 325 -8.35 5.71 -20.37
C MET A 325 -8.90 6.41 -19.11
N VAL A 326 -9.69 5.68 -18.33
CA VAL A 326 -10.07 6.10 -16.99
C VAL A 326 -9.66 5.00 -16.02
N THR A 327 -9.56 5.37 -14.73
CA THR A 327 -8.99 4.44 -13.78
C THR A 327 -9.90 3.22 -13.56
N GLY A 328 -11.21 3.39 -13.74
CA GLY A 328 -12.09 2.25 -13.73
C GLY A 328 -11.67 1.17 -14.72
N ASP A 329 -11.13 1.58 -15.89
CA ASP A 329 -10.63 0.58 -16.84
C ASP A 329 -9.50 -0.23 -16.24
N LEU A 330 -8.66 0.41 -15.43
CA LEU A 330 -7.50 -0.24 -14.86
C LEU A 330 -7.88 -1.32 -13.85
N VAL A 331 -8.96 -1.11 -13.11
CA VAL A 331 -9.40 -2.13 -12.16
C VAL A 331 -9.62 -3.46 -12.87
N ASP A 332 -10.24 -3.41 -14.06
CA ASP A 332 -10.46 -4.62 -14.86
C ASP A 332 -9.18 -5.20 -15.44
N MET A 333 -8.09 -4.45 -15.47
CA MET A 333 -6.79 -4.84 -16.03
CA MET A 333 -6.86 -4.98 -16.03
C MET A 333 -5.84 -5.43 -14.99
N VAL A 334 -6.12 -5.24 -13.71
CA VAL A 334 -5.20 -5.64 -12.65
C VAL A 334 -4.87 -7.12 -12.75
N GLY A 335 -5.89 -7.95 -12.99
CA GLY A 335 -5.66 -9.40 -13.00
C GLY A 335 -4.69 -9.83 -14.07
N GLU A 336 -4.92 -9.38 -15.31
CA GLU A 336 -4.02 -9.82 -16.38
C GLU A 336 -2.63 -9.24 -16.21
N VAL A 337 -2.50 -8.01 -15.71
CA VAL A 337 -1.16 -7.47 -15.48
C VAL A 337 -0.48 -8.16 -14.31
N TYR A 338 -1.25 -8.51 -13.25
CA TYR A 338 -0.68 -9.34 -12.18
C TYR A 338 -0.08 -10.62 -12.77
N GLU A 339 -0.82 -11.24 -13.69
CA GLU A 339 -0.33 -12.48 -14.28
C GLU A 339 0.98 -12.24 -15.04
N GLU A 340 1.08 -11.09 -15.72
CA GLU A 340 2.29 -10.76 -16.46
C GLU A 340 3.47 -10.51 -15.53
N VAL A 341 3.24 -9.78 -14.45
CA VAL A 341 4.37 -9.31 -13.64
C VAL A 341 4.76 -10.32 -12.58
N PHE A 342 3.78 -10.95 -11.96
CA PHE A 342 4.04 -11.81 -10.81
C PHE A 342 3.67 -13.26 -11.07
N GLY A 343 2.45 -13.53 -11.53
CA GLY A 343 1.94 -14.90 -11.58
C GLY A 343 2.70 -15.86 -12.49
N ASN A 344 2.80 -15.52 -13.78
CA ASN A 344 3.48 -16.41 -14.72
C ASN A 344 4.98 -16.49 -14.43
N PRO A 345 5.68 -15.36 -14.20
CA PRO A 345 7.11 -15.48 -13.79
C PRO A 345 7.31 -16.29 -12.52
N GLY A 346 6.52 -16.05 -11.47
CA GLY A 346 6.71 -16.81 -10.24
C GLY A 346 6.48 -18.30 -10.44
N GLU A 347 5.46 -18.66 -11.19
CA GLU A 347 5.23 -20.08 -11.44
C GLU A 347 6.41 -20.69 -12.21
N VAL A 348 6.94 -19.97 -13.21
CA VAL A 348 8.05 -20.56 -13.99
C VAL A 348 9.31 -20.61 -13.13
N GLU A 349 9.44 -19.69 -12.18
CA GLU A 349 10.48 -19.76 -11.16
C GLU A 349 10.33 -20.94 -10.21
N GLY A 350 9.26 -21.71 -10.29
CA GLY A 350 9.10 -22.82 -9.36
C GLY A 350 8.50 -22.45 -8.03
N ARG A 351 7.83 -21.30 -7.93
CA ARG A 351 7.24 -20.87 -6.66
C ARG A 351 5.83 -21.42 -6.42
N GLY A 352 5.29 -22.21 -7.34
CA GLY A 352 3.91 -22.67 -7.26
C GLY A 352 3.00 -21.76 -8.05
N LYS A 353 1.70 -22.04 -8.00
CA LYS A 353 0.72 -21.22 -8.72
C LYS A 353 0.57 -19.89 -7.99
N LEU A 354 1.13 -18.83 -8.54
CA LEU A 354 1.11 -17.53 -7.88
C LEU A 354 -0.01 -16.67 -8.41
PG ANP B . -3.99 10.19 -7.81
O1G ANP B . -4.27 11.01 -6.65
O2G ANP B . -4.96 10.65 -8.99
O3G ANP B . -4.21 8.69 -7.44
PB ANP B . -1.27 11.16 -7.52
O1B ANP B . -1.38 10.76 -6.02
O2B ANP B . -1.31 12.60 -7.70
N3B ANP B . -2.45 10.41 -8.32
PA ANP B . 0.85 10.55 -9.41
O1A ANP B . -0.04 11.15 -10.41
O2A ANP B . 2.17 11.27 -9.31
O3A ANP B . 0.13 10.51 -7.99
O5' ANP B . 1.17 9.01 -9.67
C5' ANP B . 0.16 8.02 -9.85
C4' ANP B . 0.76 6.89 -10.65
O4' ANP B . 1.24 7.40 -11.92
C3' ANP B . 1.96 6.22 -9.98
O3' ANP B . 1.99 4.83 -10.28
C2' ANP B . 3.15 6.96 -10.61
O2' ANP B . 4.33 6.18 -10.66
C1' ANP B . 2.63 7.19 -12.03
N9 ANP B . 3.21 8.34 -12.70
C8 ANP B . 3.32 9.61 -12.20
N7 ANP B . 3.83 10.47 -13.05
C5 ANP B . 4.08 9.71 -14.18
C6 ANP B . 4.63 10.03 -15.44
N6 ANP B . 5.00 11.27 -15.81
N1 ANP B . 4.78 9.03 -16.34
C2 ANP B . 4.38 7.80 -15.99
N3 ANP B . 3.83 7.39 -14.85
C4 ANP B . 3.71 8.39 -13.97
MG MG C . -3.06 10.99 -4.91
P PO4 D . -15.20 11.97 16.03
O1 PO4 D . -14.90 11.71 17.49
O2 PO4 D . -16.68 11.88 15.78
O3 PO4 D . -14.69 13.34 15.66
O4 PO4 D . -14.50 10.94 15.18
C1 EDO E . -7.03 -12.53 -15.33
O1 EDO E . -7.64 -12.46 -16.63
C2 EDO E . -5.77 -13.38 -15.37
O2 EDO E . -6.10 -14.77 -15.39
#